data_1WNU
#
_entry.id   1WNU
#
_cell.length_a   33.968
_cell.length_b   88.472
_cell.length_c   109.921
_cell.angle_alpha   90.00
_cell.angle_beta   90.00
_cell.angle_gamma   90.00
#
_symmetry.space_group_name_H-M   'P 21 21 21'
#
loop_
_entity.id
_entity.type
_entity.pdbx_description
1 polymer 'alanyl-tRNA synthetase'
2 non-polymer 'ZINC ION'
3 non-polymer SERINE
4 water water
#
_entity_poly.entity_id   1
_entity_poly.type   'polypeptide(L)'
_entity_poly.pdbx_seq_one_letter_code
;(MSE)YSIEVRTHSALHVVKGAVVKVLGSEAKWTYSTYVKGNKGVLIVKFDRKPSDEEIREIERLANEKVKENAPIKIYE
LPREEAEK(MSE)FGED(MSE)YDLFPVPEDVRILKVVVIEDWNVNACNKEHTKTTGEIGPIKIRKVRFRKSKGLLEIHF
ELLELENPSLEHHHHHH
;
_entity_poly.pdbx_strand_id   A,B
#
# COMPACT_ATOMS: atom_id res chain seq x y z
N TYR A 2 -27.33 -11.66 12.89
CA TYR A 2 -26.03 -11.00 12.89
C TYR A 2 -26.16 -9.49 12.85
N SER A 3 -25.25 -8.80 13.54
CA SER A 3 -25.27 -7.35 13.55
C SER A 3 -25.11 -6.87 12.12
N ILE A 4 -25.64 -5.69 11.83
CA ILE A 4 -25.55 -5.17 10.47
C ILE A 4 -24.10 -4.98 10.07
N GLU A 5 -23.27 -4.55 11.02
CA GLU A 5 -21.88 -4.33 10.70
C GLU A 5 -21.10 -5.61 10.45
N VAL A 6 -21.39 -6.67 11.20
CA VAL A 6 -20.68 -7.93 10.99
C VAL A 6 -21.06 -8.41 9.59
N ARG A 7 -22.27 -8.04 9.18
CA ARG A 7 -22.83 -8.37 7.89
C ARG A 7 -22.06 -7.60 6.81
N THR A 8 -21.95 -6.29 6.99
CA THR A 8 -21.25 -5.43 6.04
C THR A 8 -19.79 -5.82 5.91
N HIS A 9 -19.16 -6.21 7.01
CA HIS A 9 -17.76 -6.61 6.95
C HIS A 9 -17.61 -7.85 6.08
N SER A 10 -18.55 -8.76 6.23
CA SER A 10 -18.53 -10.01 5.46
C SER A 10 -18.70 -9.72 3.98
N ALA A 11 -19.55 -8.74 3.67
CA ALA A 11 -19.79 -8.36 2.28
C ALA A 11 -18.47 -7.98 1.62
N LEU A 12 -17.57 -7.35 2.38
CA LEU A 12 -16.27 -6.95 1.86
C LEU A 12 -15.53 -8.10 1.18
N HIS A 13 -15.52 -9.26 1.84
CA HIS A 13 -14.86 -10.43 1.27
C HIS A 13 -15.61 -10.89 0.03
N VAL A 14 -16.92 -10.74 0.04
CA VAL A 14 -17.71 -11.15 -1.11
C VAL A 14 -17.44 -10.16 -2.27
N VAL A 15 -17.49 -8.86 -1.97
CA VAL A 15 -17.25 -7.86 -3.00
C VAL A 15 -15.83 -7.99 -3.58
N LYS A 16 -14.86 -8.29 -2.73
CA LYS A 16 -13.48 -8.45 -3.19
C LYS A 16 -13.40 -9.55 -4.24
N GLY A 17 -14.02 -10.69 -3.93
CA GLY A 17 -14.03 -11.80 -4.86
C GLY A 17 -14.65 -11.43 -6.21
N ALA A 18 -15.76 -10.70 -6.18
CA ALA A 18 -16.40 -10.29 -7.42
C ALA A 18 -15.46 -9.37 -8.20
N VAL A 19 -14.76 -8.50 -7.48
CA VAL A 19 -13.82 -7.56 -8.08
C VAL A 19 -12.69 -8.28 -8.83
N VAL A 20 -12.14 -9.30 -8.20
CA VAL A 20 -11.06 -10.07 -8.80
C VAL A 20 -11.57 -10.87 -10.00
N LYS A 21 -12.79 -11.40 -9.91
CA LYS A 21 -13.35 -12.18 -11.00
C LYS A 21 -13.55 -11.31 -12.26
N VAL A 22 -14.05 -10.09 -12.06
CA VAL A 22 -14.30 -9.21 -13.18
C VAL A 22 -13.07 -8.44 -13.68
N LEU A 23 -12.30 -7.86 -12.76
CA LEU A 23 -11.14 -7.08 -13.14
C LEU A 23 -9.86 -7.85 -13.31
N GLY A 24 -9.82 -9.07 -12.79
CA GLY A 24 -8.61 -9.86 -12.92
C GLY A 24 -7.68 -9.79 -11.71
N SER A 25 -6.59 -10.52 -11.79
CA SER A 25 -5.60 -10.60 -10.71
C SER A 25 -4.89 -9.28 -10.36
N GLU A 26 -4.95 -8.29 -11.22
CA GLU A 26 -4.28 -7.04 -10.93
C GLU A 26 -4.98 -6.19 -9.90
N ALA A 27 -6.23 -6.54 -9.61
CA ALA A 27 -7.02 -5.84 -8.61
C ALA A 27 -7.14 -6.75 -7.38
N LYS A 28 -6.22 -7.71 -7.26
CA LYS A 28 -6.28 -8.65 -6.14
C LYS A 28 -5.71 -8.13 -4.83
N TRP A 29 -5.07 -6.97 -4.87
CA TRP A 29 -4.48 -6.42 -3.66
C TRP A 29 -5.30 -5.35 -2.99
N THR A 30 -5.69 -5.58 -1.74
CA THR A 30 -6.47 -4.63 -0.99
C THR A 30 -5.57 -3.61 -0.31
N TYR A 31 -5.98 -2.34 -0.39
CA TYR A 31 -5.22 -1.25 0.21
C TYR A 31 -5.77 -0.99 1.59
N SER A 32 -7.10 -0.93 1.68
CA SER A 32 -7.75 -0.66 2.95
C SER A 32 -9.24 -0.90 2.86
N THR A 33 -9.89 -0.98 4.03
CA THR A 33 -11.33 -1.16 4.07
C THR A 33 -11.91 -0.43 5.25
N TYR A 34 -13.15 0.00 5.08
CA TYR A 34 -13.86 0.64 6.16
C TYR A 34 -15.31 0.22 6.15
N VAL A 35 -15.88 0.12 7.34
CA VAL A 35 -17.28 -0.27 7.49
C VAL A 35 -17.94 0.58 8.55
N LYS A 36 -19.11 1.12 8.21
CA LYS A 36 -19.86 1.93 9.16
C LYS A 36 -21.35 1.61 8.99
N GLY A 37 -21.89 0.86 9.93
CA GLY A 37 -23.28 0.50 9.84
C GLY A 37 -23.52 -0.39 8.65
N ASN A 38 -24.36 0.04 7.73
CA ASN A 38 -24.69 -0.75 6.54
C ASN A 38 -23.85 -0.34 5.33
N LYS A 39 -22.91 0.57 5.53
CA LYS A 39 -22.05 1.04 4.44
C LYS A 39 -20.66 0.42 4.51
N GLY A 40 -20.09 0.16 3.34
CA GLY A 40 -18.77 -0.44 3.28
C GLY A 40 -17.92 0.16 2.16
N VAL A 41 -16.63 0.29 2.40
CA VAL A 41 -15.71 0.83 1.41
C VAL A 41 -14.54 -0.09 1.18
N LEU A 42 -14.41 -0.61 -0.03
CA LEU A 42 -13.29 -1.49 -0.34
C LEU A 42 -12.34 -0.78 -1.30
N ILE A 43 -11.11 -0.51 -0.87
CA ILE A 43 -10.16 0.13 -1.76
C ILE A 43 -9.10 -0.88 -2.19
N VAL A 44 -9.01 -1.10 -3.48
CA VAL A 44 -8.09 -2.08 -3.99
C VAL A 44 -7.07 -1.36 -4.86
N LYS A 45 -5.88 -1.94 -5.03
CA LYS A 45 -4.87 -1.33 -5.88
C LYS A 45 -5.25 -1.66 -7.32
N PHE A 46 -5.35 -0.65 -8.16
CA PHE A 46 -5.72 -0.88 -9.56
C PHE A 46 -5.14 0.21 -10.44
N ASP A 47 -5.30 0.07 -11.76
CA ASP A 47 -4.71 1.04 -12.68
C ASP A 47 -5.68 1.86 -13.53
N ARG A 48 -6.97 1.53 -13.51
CA ARG A 48 -7.92 2.26 -14.34
C ARG A 48 -9.29 2.34 -13.71
N LYS A 49 -10.14 3.17 -14.29
CA LYS A 49 -11.50 3.32 -13.79
C LYS A 49 -12.38 2.33 -14.53
N PRO A 50 -12.88 1.29 -13.82
CA PRO A 50 -13.73 0.28 -14.45
C PRO A 50 -14.88 0.93 -15.21
N SER A 51 -15.36 0.25 -16.24
CA SER A 51 -16.45 0.76 -17.05
C SER A 51 -17.74 0.53 -16.29
N ASP A 52 -18.80 1.24 -16.69
CA ASP A 52 -20.08 1.09 -16.01
C ASP A 52 -20.61 -0.33 -16.13
N GLU A 53 -20.21 -1.03 -17.18
CA GLU A 53 -20.64 -2.40 -17.41
C GLU A 53 -19.93 -3.34 -16.44
N GLU A 54 -18.65 -3.09 -16.21
CA GLU A 54 -17.88 -3.93 -15.29
C GLU A 54 -18.38 -3.73 -13.86
N ILE A 55 -18.73 -2.50 -13.53
CA ILE A 55 -19.23 -2.23 -12.18
C ILE A 55 -20.48 -3.08 -11.98
N ARG A 56 -21.34 -3.07 -13.00
CA ARG A 56 -22.59 -3.81 -12.99
C ARG A 56 -22.35 -5.30 -12.76
N GLU A 57 -21.29 -5.80 -13.40
CA GLU A 57 -20.94 -7.18 -13.30
C GLU A 57 -20.42 -7.50 -11.89
N ILE A 58 -19.59 -6.62 -11.35
CA ILE A 58 -19.06 -6.84 -10.01
C ILE A 58 -20.23 -6.96 -9.05
N GLU A 59 -21.21 -6.07 -9.23
CA GLU A 59 -22.39 -6.06 -8.39
C GLU A 59 -23.16 -7.37 -8.56
N ARG A 60 -23.53 -7.67 -9.80
CA ARG A 60 -24.26 -8.90 -10.12
C ARG A 60 -23.58 -10.11 -9.47
N LEU A 61 -22.34 -10.37 -9.89
CA LEU A 61 -21.58 -11.49 -9.34
C LEU A 61 -21.51 -11.47 -7.81
N ALA A 62 -21.43 -10.29 -7.21
CA ALA A 62 -21.35 -10.19 -5.76
C ALA A 62 -22.66 -10.63 -5.13
N ASN A 63 -23.77 -10.26 -5.76
CA ASN A 63 -25.08 -10.62 -5.23
C ASN A 63 -25.39 -12.09 -5.47
N GLU A 64 -24.82 -12.64 -6.55
CA GLU A 64 -25.03 -14.04 -6.90
C GLU A 64 -24.34 -14.91 -5.86
N LYS A 65 -23.19 -14.45 -5.40
CA LYS A 65 -22.43 -15.17 -4.38
C LYS A 65 -23.23 -15.16 -3.07
N VAL A 66 -24.01 -14.11 -2.86
CA VAL A 66 -24.80 -14.01 -1.65
C VAL A 66 -25.92 -15.04 -1.67
N LYS A 67 -26.58 -15.15 -2.82
CA LYS A 67 -27.69 -16.08 -3.00
C LYS A 67 -27.25 -17.55 -2.96
N GLU A 68 -25.99 -17.80 -3.31
CA GLU A 68 -25.49 -19.17 -3.29
C GLU A 68 -25.37 -19.66 -1.86
N ASN A 69 -25.39 -18.71 -0.93
CA ASN A 69 -25.26 -19.03 0.49
C ASN A 69 -24.04 -19.94 0.71
N ALA A 70 -22.89 -19.49 0.22
CA ALA A 70 -21.63 -20.23 0.36
C ALA A 70 -21.14 -20.03 1.78
N PRO A 71 -20.48 -21.05 2.35
CA PRO A 71 -20.00 -20.93 3.72
C PRO A 71 -18.71 -20.10 3.82
N ILE A 72 -18.60 -19.32 4.89
CA ILE A 72 -17.41 -18.50 5.11
C ILE A 72 -16.58 -19.24 6.16
N LYS A 73 -15.73 -20.15 5.70
CA LYS A 73 -14.91 -20.93 6.61
C LYS A 73 -13.75 -20.14 7.20
N ILE A 74 -13.40 -20.44 8.45
CA ILE A 74 -12.30 -19.72 9.09
C ILE A 74 -11.25 -20.64 9.70
N TYR A 75 -10.19 -20.88 8.93
CA TYR A 75 -9.11 -21.75 9.39
C TYR A 75 -8.10 -20.98 10.25
N GLU A 76 -7.54 -21.67 11.23
CA GLU A 76 -6.57 -21.10 12.15
C GLU A 76 -5.31 -21.95 12.12
N LEU A 77 -4.30 -21.50 11.40
CA LEU A 77 -3.06 -22.27 11.29
C LEU A 77 -1.76 -21.47 11.51
N PRO A 78 -0.60 -22.16 11.43
CA PRO A 78 0.69 -21.52 11.62
C PRO A 78 1.02 -20.67 10.40
N ARG A 79 1.59 -19.50 10.63
CA ARG A 79 1.95 -18.58 9.56
C ARG A 79 2.61 -19.32 8.42
N GLU A 80 3.70 -20.01 8.74
CA GLU A 80 4.45 -20.78 7.76
C GLU A 80 3.54 -21.64 6.91
N GLU A 81 2.79 -22.54 7.55
CA GLU A 81 1.90 -23.45 6.84
C GLU A 81 0.85 -22.70 6.01
N ALA A 82 0.11 -21.80 6.65
CA ALA A 82 -0.90 -21.02 5.94
C ALA A 82 -0.23 -20.38 4.74
N GLU A 83 0.97 -19.86 4.95
CA GLU A 83 1.71 -19.23 3.88
C GLU A 83 1.78 -20.21 2.70
N LYS A 84 2.09 -21.48 2.95
CA LYS A 84 2.17 -22.43 1.85
C LYS A 84 0.83 -22.97 1.40
N PHE A 86 -2.20 -21.34 1.38
CA PHE A 86 -3.00 -20.34 0.69
C PHE A 86 -2.16 -19.42 -0.17
N GLY A 87 -0.86 -19.43 0.06
CA GLY A 87 -0.01 -18.56 -0.71
C GLY A 87 -0.23 -17.09 -0.39
N GLU A 88 0.47 -16.25 -1.15
CA GLU A 88 0.45 -14.79 -1.07
C GLU A 88 -0.92 -14.11 -1.16
N ASP A 89 -1.88 -14.74 -1.83
CA ASP A 89 -3.20 -14.14 -1.99
C ASP A 89 -3.99 -13.87 -0.73
N TYR A 91 -3.09 -12.36 1.73
CA TYR A 91 -2.69 -11.08 2.28
C TYR A 91 -3.20 -9.87 1.51
N ASP A 92 -2.88 -8.70 2.06
CA ASP A 92 -3.25 -7.43 1.47
C ASP A 92 -1.96 -6.69 1.16
N LEU A 93 -2.05 -5.44 0.73
CA LEU A 93 -0.84 -4.69 0.44
C LEU A 93 0.00 -4.53 1.70
N PHE A 94 -0.69 -4.24 2.79
CA PHE A 94 -0.11 -4.02 4.12
C PHE A 94 0.01 -5.34 4.88
N PRO A 95 1.25 -5.82 5.10
CA PRO A 95 1.58 -7.07 5.80
C PRO A 95 1.06 -7.16 7.22
N VAL A 96 0.66 -8.35 7.61
CA VAL A 96 0.22 -8.63 8.98
C VAL A 96 1.56 -8.67 9.70
N PRO A 97 1.75 -7.85 10.74
CA PRO A 97 3.00 -7.81 11.52
C PRO A 97 3.66 -9.18 11.71
N GLU A 98 4.99 -9.20 11.82
CA GLU A 98 5.70 -10.46 12.01
C GLU A 98 5.73 -10.95 13.44
N ASP A 99 5.11 -10.20 14.34
CA ASP A 99 5.06 -10.61 15.73
C ASP A 99 3.95 -11.66 15.88
N VAL A 100 3.13 -11.78 14.84
CA VAL A 100 2.02 -12.71 14.80
C VAL A 100 2.46 -14.03 14.19
N ARG A 101 2.60 -15.07 15.02
CA ARG A 101 3.04 -16.38 14.55
C ARG A 101 1.92 -17.34 14.18
N ILE A 102 0.68 -16.98 14.46
CA ILE A 102 -0.45 -17.84 14.10
C ILE A 102 -1.54 -17.00 13.46
N LEU A 103 -1.98 -17.45 12.28
CA LEU A 103 -2.98 -16.73 11.51
C LEU A 103 -4.39 -17.30 11.44
N LYS A 104 -5.37 -16.40 11.35
CA LYS A 104 -6.78 -16.76 11.22
C LYS A 104 -7.09 -16.34 9.79
N VAL A 105 -7.20 -17.32 8.90
CA VAL A 105 -7.49 -17.05 7.50
C VAL A 105 -8.94 -17.34 7.13
N VAL A 106 -9.61 -16.33 6.58
CA VAL A 106 -11.00 -16.43 6.16
C VAL A 106 -11.05 -16.91 4.71
N VAL A 107 -11.84 -17.94 4.46
CA VAL A 107 -11.94 -18.49 3.12
C VAL A 107 -13.34 -18.74 2.60
N ILE A 108 -13.54 -18.33 1.36
CA ILE A 108 -14.79 -18.50 0.65
C ILE A 108 -14.32 -19.20 -0.62
N GLU A 109 -14.31 -20.53 -0.56
CA GLU A 109 -13.86 -21.37 -1.67
C GLU A 109 -14.02 -20.77 -3.06
N ASP A 110 -12.91 -20.71 -3.80
CA ASP A 110 -12.89 -20.18 -5.16
C ASP A 110 -13.38 -18.76 -5.25
N TRP A 111 -13.18 -17.96 -4.21
CA TRP A 111 -13.69 -16.60 -4.25
C TRP A 111 -12.79 -15.60 -3.58
N ASN A 112 -12.40 -15.89 -2.33
CA ASN A 112 -11.55 -15.00 -1.57
C ASN A 112 -10.94 -15.67 -0.36
N VAL A 113 -9.65 -15.41 -0.14
CA VAL A 113 -8.93 -15.94 1.01
C VAL A 113 -8.22 -14.74 1.61
N ASN A 114 -8.39 -14.52 2.91
CA ASN A 114 -7.77 -13.37 3.56
C ASN A 114 -7.50 -13.57 5.02
N ALA A 115 -6.28 -13.26 5.44
CA ALA A 115 -5.95 -13.37 6.86
C ALA A 115 -6.77 -12.26 7.54
N CYS A 116 -7.80 -12.66 8.29
CA CYS A 116 -8.64 -11.68 8.96
C CYS A 116 -9.01 -12.15 10.35
N ASN A 117 -8.95 -11.23 11.30
CA ASN A 117 -9.25 -11.54 12.69
C ASN A 117 -10.61 -11.05 13.18
N LYS A 118 -11.34 -10.36 12.30
CA LYS A 118 -12.66 -9.84 12.66
C LYS A 118 -13.76 -10.89 12.59
N GLU A 119 -14.94 -10.55 13.14
CA GLU A 119 -16.08 -11.48 13.14
C GLU A 119 -16.80 -11.50 11.79
N HIS A 120 -17.05 -12.69 11.27
CA HIS A 120 -17.75 -12.85 9.99
C HIS A 120 -19.03 -13.66 10.16
N THR A 121 -19.93 -13.57 9.18
CA THR A 121 -21.15 -14.35 9.24
C THR A 121 -20.78 -15.78 8.84
N LYS A 122 -21.60 -16.75 9.22
CA LYS A 122 -21.33 -18.14 8.90
C LYS A 122 -21.49 -18.50 7.42
N THR A 123 -22.32 -17.76 6.70
CA THR A 123 -22.52 -18.00 5.27
C THR A 123 -22.81 -16.72 4.51
N THR A 124 -22.55 -16.73 3.22
CA THR A 124 -22.75 -15.56 2.39
C THR A 124 -24.18 -15.08 2.31
N GLY A 125 -25.14 -16.00 2.39
CA GLY A 125 -26.54 -15.59 2.32
C GLY A 125 -26.92 -14.67 3.47
N GLU A 126 -26.26 -14.84 4.61
CA GLU A 126 -26.53 -14.03 5.79
C GLU A 126 -26.12 -12.56 5.63
N ILE A 127 -25.60 -12.21 4.46
CA ILE A 127 -25.19 -10.84 4.23
C ILE A 127 -26.33 -10.03 3.64
N GLY A 128 -26.96 -10.58 2.60
CA GLY A 128 -28.07 -9.91 1.97
C GLY A 128 -27.69 -9.11 0.74
N PRO A 129 -28.67 -8.66 -0.02
CA PRO A 129 -28.49 -7.86 -1.25
C PRO A 129 -27.51 -6.70 -1.06
N ILE A 130 -26.52 -6.64 -1.93
CA ILE A 130 -25.49 -5.60 -1.88
C ILE A 130 -25.64 -4.63 -3.03
N LYS A 131 -25.47 -3.34 -2.73
CA LYS A 131 -25.58 -2.32 -3.77
C LYS A 131 -24.35 -1.42 -3.83
N ILE A 132 -23.72 -1.35 -4.98
CA ILE A 132 -22.55 -0.50 -5.17
C ILE A 132 -23.06 0.89 -5.47
N ARG A 133 -22.79 1.83 -4.56
CA ARG A 133 -23.25 3.19 -4.70
C ARG A 133 -22.29 4.10 -5.47
N LYS A 134 -21.00 4.03 -5.18
CA LYS A 134 -20.02 4.86 -5.87
C LYS A 134 -18.74 4.08 -6.09
N VAL A 135 -18.02 4.47 -7.14
CA VAL A 135 -16.75 3.85 -7.48
C VAL A 135 -15.81 4.99 -7.87
N ARG A 136 -14.73 5.15 -7.12
CA ARG A 136 -13.79 6.23 -7.35
C ARG A 136 -12.40 5.66 -7.71
N PHE A 137 -11.81 6.14 -8.79
CA PHE A 137 -10.47 5.70 -9.19
C PHE A 137 -9.51 6.86 -8.97
N ARG A 138 -8.61 6.73 -7.99
CA ARG A 138 -7.66 7.79 -7.70
C ARG A 138 -6.35 7.56 -8.45
N LYS A 139 -6.20 8.27 -9.56
CA LYS A 139 -5.04 8.17 -10.46
C LYS A 139 -3.66 8.21 -9.81
N SER A 140 -3.45 9.21 -8.96
CA SER A 140 -2.16 9.38 -8.30
C SER A 140 -1.68 8.07 -7.63
N LYS A 141 -2.40 7.64 -6.59
CA LYS A 141 -2.00 6.42 -5.90
C LYS A 141 -2.34 5.12 -6.65
N GLY A 142 -3.20 5.22 -7.66
CA GLY A 142 -3.57 4.03 -8.40
C GLY A 142 -4.39 3.07 -7.55
N LEU A 143 -5.38 3.64 -6.88
CA LEU A 143 -6.25 2.87 -6.00
C LEU A 143 -7.69 2.99 -6.51
N LEU A 144 -8.46 1.92 -6.32
CA LEU A 144 -9.85 1.90 -6.75
C LEU A 144 -10.76 1.77 -5.54
N GLU A 145 -11.70 2.70 -5.41
CA GLU A 145 -12.65 2.72 -4.30
C GLU A 145 -14.00 2.12 -4.71
N ILE A 146 -14.43 1.06 -4.02
CA ILE A 146 -15.71 0.46 -4.33
C ILE A 146 -16.64 0.67 -3.13
N HIS A 147 -17.50 1.69 -3.24
CA HIS A 147 -18.45 2.02 -2.18
C HIS A 147 -19.74 1.23 -2.38
N PHE A 148 -20.17 0.54 -1.32
CA PHE A 148 -21.38 -0.27 -1.38
C PHE A 148 -22.16 -0.26 -0.08
N GLU A 149 -23.45 -0.56 -0.16
CA GLU A 149 -24.28 -0.60 1.05
C GLU A 149 -25.23 -1.80 1.01
N LEU A 150 -25.38 -2.47 2.16
CA LEU A 150 -26.28 -3.60 2.28
C LEU A 150 -27.71 -3.08 2.29
N LEU A 151 -28.70 -3.94 2.08
CA LEU A 151 -30.08 -3.46 2.02
C LEU A 151 -31.14 -3.98 2.97
N GLU A 152 -31.74 -3.02 3.68
CA GLU A 152 -32.82 -3.33 4.62
C GLU A 152 -34.04 -3.80 3.82
N LEU A 153 -34.01 -5.03 3.31
CA LEU A 153 -35.13 -5.54 2.55
C LEU A 153 -36.04 -6.46 3.39
N GLU A 154 -35.87 -7.78 3.25
CA GLU A 154 -36.70 -8.72 4.00
C GLU A 154 -36.65 -8.50 5.51
N TYR B 2 28.55 11.29 11.89
CA TYR B 2 27.26 10.62 12.02
C TYR B 2 27.38 9.11 11.87
N SER B 3 26.53 8.40 12.58
CA SER B 3 26.51 6.94 12.52
C SER B 3 26.29 6.54 11.09
N ILE B 4 26.80 5.37 10.74
CA ILE B 4 26.70 4.84 9.40
C ILE B 4 25.22 4.66 9.02
N GLU B 5 24.43 4.22 9.99
CA GLU B 5 23.01 4.00 9.73
C GLU B 5 22.23 5.28 9.58
N VAL B 6 22.56 6.31 10.38
CA VAL B 6 21.87 7.59 10.27
C VAL B 6 22.13 8.11 8.86
N ARG B 7 23.32 7.76 8.36
CA ARG B 7 23.75 8.16 7.04
C ARG B 7 22.93 7.42 5.98
N THR B 8 22.87 6.10 6.11
CA THR B 8 22.12 5.28 5.17
C THR B 8 20.64 5.68 5.14
N HIS B 9 20.07 6.00 6.30
CA HIS B 9 18.67 6.39 6.33
C HIS B 9 18.48 7.66 5.54
N SER B 10 19.42 8.59 5.69
CA SER B 10 19.36 9.86 4.99
C SER B 10 19.45 9.65 3.48
N ALA B 11 20.25 8.67 3.09
CA ALA B 11 20.40 8.37 1.66
C ALA B 11 19.04 8.02 1.04
N LEU B 12 18.19 7.37 1.84
CA LEU B 12 16.85 6.99 1.41
C LEU B 12 16.10 8.15 0.78
N HIS B 13 16.09 9.27 1.51
CA HIS B 13 15.44 10.48 1.06
C HIS B 13 16.07 11.00 -0.22
N VAL B 14 17.39 10.85 -0.33
CA VAL B 14 18.09 11.31 -1.52
C VAL B 14 17.77 10.39 -2.67
N VAL B 15 17.86 9.08 -2.43
CA VAL B 15 17.55 8.12 -3.50
C VAL B 15 16.09 8.28 -3.97
N LYS B 16 15.16 8.47 -3.04
CA LYS B 16 13.76 8.64 -3.43
C LYS B 16 13.61 9.82 -4.41
N GLY B 17 14.27 10.93 -4.09
CA GLY B 17 14.21 12.11 -4.96
C GLY B 17 14.71 11.81 -6.36
N ALA B 18 15.83 11.09 -6.45
CA ALA B 18 16.40 10.74 -7.74
C ALA B 18 15.41 9.85 -8.50
N VAL B 19 14.76 8.94 -7.77
CA VAL B 19 13.80 8.02 -8.38
C VAL B 19 12.61 8.76 -8.97
N VAL B 20 12.10 9.76 -8.27
CA VAL B 20 10.98 10.51 -8.81
C VAL B 20 11.41 11.39 -9.98
N LYS B 21 12.62 11.92 -9.91
CA LYS B 21 13.12 12.77 -11.00
C LYS B 21 13.24 11.96 -12.29
N VAL B 22 13.75 10.73 -12.19
CA VAL B 22 13.94 9.87 -13.35
C VAL B 22 12.71 9.12 -13.82
N LEU B 23 11.98 8.52 -12.89
CA LEU B 23 10.81 7.74 -13.25
C LEU B 23 9.51 8.51 -13.29
N GLY B 24 9.48 9.70 -12.71
CA GLY B 24 8.26 10.47 -12.73
C GLY B 24 7.43 10.36 -11.48
N SER B 25 6.32 11.09 -11.45
CA SER B 25 5.41 11.12 -10.31
C SER B 25 4.74 9.80 -9.96
N GLU B 26 4.73 8.84 -10.88
CA GLU B 26 4.09 7.56 -10.62
C GLU B 26 4.86 6.69 -9.65
N ALA B 27 6.13 7.06 -9.44
CA ALA B 27 7.01 6.34 -8.52
C ALA B 27 7.20 7.17 -7.26
N LYS B 28 6.28 8.11 -7.02
CA LYS B 28 6.36 9.02 -5.89
C LYS B 28 5.90 8.42 -4.55
N TRP B 29 5.22 7.28 -4.59
CA TRP B 29 4.75 6.67 -3.36
C TRP B 29 5.62 5.54 -2.82
N THR B 30 6.06 5.71 -1.59
CA THR B 30 6.90 4.74 -0.91
C THR B 30 6.07 3.66 -0.25
N TYR B 31 6.46 2.41 -0.42
CA TYR B 31 5.74 1.29 0.20
C TYR B 31 6.42 0.92 1.51
N SER B 32 7.74 0.88 1.51
CA SER B 32 8.47 0.55 2.71
C SER B 32 9.94 0.87 2.57
N THR B 33 10.63 0.85 3.72
CA THR B 33 12.04 1.18 3.80
C THR B 33 12.75 0.28 4.80
N TYR B 34 13.99 -0.08 4.50
CA TYR B 34 14.78 -0.93 5.39
C TYR B 34 16.22 -0.43 5.39
N VAL B 35 16.85 -0.38 6.56
CA VAL B 35 18.23 0.06 6.67
C VAL B 35 18.99 -0.84 7.63
N LYS B 36 20.14 -1.36 7.18
CA LYS B 36 20.98 -2.19 8.03
C LYS B 36 22.43 -1.87 7.77
N GLY B 37 23.03 -1.15 8.71
CA GLY B 37 24.42 -0.79 8.54
C GLY B 37 24.57 0.18 7.39
N ASN B 38 25.36 -0.21 6.39
CA ASN B 38 25.60 0.64 5.22
C ASN B 38 24.68 0.29 4.04
N LYS B 39 23.76 -0.65 4.27
CA LYS B 39 22.85 -1.09 3.23
C LYS B 39 21.45 -0.47 3.40
N GLY B 40 20.81 -0.15 2.28
CA GLY B 40 19.49 0.44 2.33
C GLY B 40 18.59 -0.08 1.25
N VAL B 41 17.30 -0.24 1.56
CA VAL B 41 16.34 -0.74 0.58
C VAL B 41 15.14 0.15 0.51
N LEU B 42 14.91 0.73 -0.67
CA LEU B 42 13.75 1.61 -0.86
C LEU B 42 12.78 0.96 -1.80
N ILE B 43 11.57 0.66 -1.31
CA ILE B 43 10.57 0.02 -2.16
C ILE B 43 9.48 1.04 -2.48
N VAL B 44 9.29 1.31 -3.74
CA VAL B 44 8.33 2.30 -4.16
C VAL B 44 7.26 1.63 -4.98
N LYS B 45 6.07 2.22 -5.05
CA LYS B 45 5.00 1.65 -5.88
C LYS B 45 5.31 2.03 -7.32
N PHE B 46 5.37 1.04 -8.20
CA PHE B 46 5.66 1.33 -9.59
C PHE B 46 5.03 0.27 -10.50
N ASP B 47 5.08 0.50 -11.82
CA ASP B 47 4.46 -0.45 -12.73
C ASP B 47 5.37 -1.20 -13.69
N ARG B 48 6.65 -0.88 -13.74
CA ARG B 48 7.53 -1.61 -14.66
C ARG B 48 8.93 -1.67 -14.12
N LYS B 49 9.77 -2.47 -14.79
CA LYS B 49 11.16 -2.64 -14.41
C LYS B 49 11.98 -1.59 -15.15
N PRO B 50 12.53 -0.61 -14.41
CA PRO B 50 13.35 0.46 -15.01
C PRO B 50 14.41 -0.13 -15.92
N SER B 51 14.83 0.62 -16.93
CA SER B 51 15.88 0.13 -17.82
C SER B 51 17.23 0.33 -17.12
N ASP B 52 18.26 -0.35 -17.61
CA ASP B 52 19.60 -0.21 -17.04
C ASP B 52 20.09 1.24 -17.11
N GLU B 53 19.66 1.99 -18.13
CA GLU B 53 20.08 3.38 -18.26
C GLU B 53 19.39 4.25 -17.24
N GLU B 54 18.13 3.95 -16.95
CA GLU B 54 17.40 4.74 -15.97
C GLU B 54 17.99 4.48 -14.59
N ILE B 55 18.38 3.23 -14.33
CA ILE B 55 18.98 2.91 -13.04
C ILE B 55 20.24 3.75 -12.88
N ARG B 56 21.03 3.82 -13.94
CA ARG B 56 22.27 4.59 -13.93
C ARG B 56 22.01 6.06 -13.63
N GLU B 57 20.93 6.60 -14.20
CA GLU B 57 20.59 7.99 -13.97
C GLU B 57 20.16 8.22 -12.53
N ILE B 58 19.35 7.30 -12.00
CA ILE B 58 18.90 7.42 -10.61
C ILE B 58 20.14 7.50 -9.74
N GLU B 59 21.10 6.63 -10.01
CA GLU B 59 22.34 6.59 -9.26
C GLU B 59 23.10 7.91 -9.41
N ARG B 60 23.39 8.30 -10.65
CA ARG B 60 24.11 9.54 -10.91
C ARG B 60 23.46 10.70 -10.17
N LEU B 61 22.20 10.97 -10.52
CA LEU B 61 21.40 12.02 -9.92
C LEU B 61 21.46 11.99 -8.39
N ALA B 62 21.40 10.79 -7.83
CA ALA B 62 21.43 10.62 -6.39
C ALA B 62 22.79 11.03 -5.82
N ASN B 63 23.86 10.70 -6.52
CA ASN B 63 25.20 11.04 -6.07
C ASN B 63 25.50 12.53 -6.28
N GLU B 64 24.86 13.12 -7.29
CA GLU B 64 25.07 14.54 -7.55
C GLU B 64 24.42 15.35 -6.45
N LYS B 65 23.30 14.86 -5.92
CA LYS B 65 22.62 15.56 -4.84
C LYS B 65 23.46 15.47 -3.59
N VAL B 66 24.28 14.42 -3.51
CA VAL B 66 25.14 14.22 -2.36
C VAL B 66 26.23 15.27 -2.36
N LYS B 67 26.82 15.46 -3.54
CA LYS B 67 27.91 16.42 -3.73
C LYS B 67 27.46 17.87 -3.62
N GLU B 68 26.19 18.15 -3.89
CA GLU B 68 25.68 19.51 -3.79
C GLU B 68 25.62 19.92 -2.32
N ASN B 69 25.74 18.93 -1.44
CA ASN B 69 25.70 19.14 0.01
C ASN B 69 24.52 20.03 0.38
N ALA B 70 23.33 19.64 -0.08
CA ALA B 70 22.09 20.36 0.19
C ALA B 70 21.70 20.08 1.62
N PRO B 71 21.07 21.07 2.27
CA PRO B 71 20.66 20.86 3.66
C PRO B 71 19.38 20.05 3.79
N ILE B 72 19.32 19.20 4.82
CA ILE B 72 18.14 18.39 5.08
C ILE B 72 17.36 19.07 6.21
N LYS B 73 16.49 20.01 5.84
CA LYS B 73 15.72 20.75 6.83
C LYS B 73 14.64 19.88 7.47
N ILE B 74 14.36 20.15 8.75
CA ILE B 74 13.36 19.39 9.47
C ILE B 74 12.33 20.26 10.16
N TYR B 75 11.21 20.51 9.48
CA TYR B 75 10.15 21.34 10.03
C TYR B 75 9.21 20.55 10.94
N GLU B 76 8.68 21.20 11.97
CA GLU B 76 7.76 20.53 12.91
C GLU B 76 6.52 21.40 13.03
N LEU B 77 5.47 20.97 12.33
CA LEU B 77 4.22 21.73 12.35
C LEU B 77 3.01 20.85 12.68
N PRO B 78 1.88 21.55 12.95
CA PRO B 78 0.67 20.78 13.19
C PRO B 78 0.45 19.99 11.90
N ARG B 79 -0.32 18.91 11.96
CA ARG B 79 -0.60 18.09 10.82
C ARG B 79 -1.46 18.80 9.77
N GLU B 80 -2.35 19.68 10.25
CA GLU B 80 -3.28 20.43 9.41
C GLU B 80 -2.47 21.50 8.67
N GLU B 81 -1.37 21.91 9.28
CA GLU B 81 -0.53 22.92 8.69
C GLU B 81 0.45 22.34 7.69
N ALA B 82 0.96 21.16 8.01
CA ALA B 82 1.87 20.48 7.11
C ALA B 82 1.06 19.99 5.90
N GLU B 83 -0.17 19.56 6.19
CA GLU B 83 -1.06 19.06 5.16
C GLU B 83 -1.15 20.07 4.01
N LYS B 84 -1.45 21.32 4.34
CA LYS B 84 -1.58 22.34 3.32
C LYS B 84 -0.27 22.91 2.81
N PHE B 86 2.76 21.26 2.54
CA PHE B 86 3.51 20.32 1.72
C PHE B 86 2.62 19.41 0.87
N GLY B 87 1.33 19.42 1.15
CA GLY B 87 0.42 18.58 0.39
C GLY B 87 0.65 17.10 0.64
N GLU B 88 -0.07 16.28 -0.11
CA GLU B 88 -0.01 14.83 0.01
C GLU B 88 1.32 14.15 -0.28
N ASP B 89 2.20 14.85 -0.99
CA ASP B 89 3.52 14.30 -1.32
C ASP B 89 4.39 13.94 -0.12
N TYR B 91 3.66 12.30 2.37
CA TYR B 91 3.28 10.98 2.88
C TYR B 91 3.77 9.81 2.03
N ASP B 92 3.49 8.61 2.52
CA ASP B 92 3.84 7.37 1.86
C ASP B 92 2.53 6.65 1.57
N LEU B 93 2.61 5.44 1.01
CA LEU B 93 1.39 4.72 0.74
C LEU B 93 0.65 4.53 2.04
N PHE B 94 1.35 4.18 3.11
CA PHE B 94 0.63 4.02 4.33
C PHE B 94 0.75 5.17 5.30
N PRO B 95 -0.41 5.81 5.52
CA PRO B 95 -0.58 6.95 6.39
C PRO B 95 -0.10 6.87 7.82
N VAL B 96 0.37 8.02 8.28
CA VAL B 96 0.85 8.14 9.63
C VAL B 96 -0.46 8.19 10.40
N PRO B 97 -0.62 7.30 11.39
CA PRO B 97 -1.83 7.24 12.21
C PRO B 97 -2.43 8.60 12.55
N GLU B 98 -3.75 8.64 12.73
CA GLU B 98 -4.44 9.89 13.04
C GLU B 98 -4.38 10.30 14.50
N ASP B 99 -3.68 9.51 15.30
CA ASP B 99 -3.54 9.81 16.71
C ASP B 99 -2.44 10.86 16.88
N VAL B 100 -1.67 11.05 15.82
CA VAL B 100 -0.58 12.02 15.83
C VAL B 100 -1.03 13.35 15.22
N ARG B 101 -1.20 14.36 16.07
CA ARG B 101 -1.67 15.68 15.66
C ARG B 101 -0.55 16.67 15.32
N ILE B 102 0.71 16.24 15.49
CA ILE B 102 1.85 17.11 15.21
C ILE B 102 2.88 16.34 14.39
N LEU B 103 3.24 16.86 13.21
CA LEU B 103 4.17 16.17 12.34
C LEU B 103 5.57 16.76 12.19
N LYS B 104 6.52 15.87 11.96
CA LYS B 104 7.91 16.23 11.76
C LYS B 104 8.18 15.89 10.30
N VAL B 105 8.21 16.91 9.44
CA VAL B 105 8.44 16.69 8.03
C VAL B 105 9.85 17.02 7.60
N VAL B 106 10.50 16.06 6.94
CA VAL B 106 11.85 16.21 6.44
C VAL B 106 11.80 16.79 5.03
N VAL B 107 12.58 17.83 4.79
CA VAL B 107 12.57 18.45 3.48
C VAL B 107 13.94 18.70 2.87
N ILE B 108 14.06 18.35 1.59
CA ILE B 108 15.26 18.57 0.80
C ILE B 108 14.72 19.33 -0.41
N GLU B 109 14.73 20.66 -0.31
CA GLU B 109 14.20 21.54 -1.35
C GLU B 109 14.25 20.98 -2.76
N ASP B 110 13.10 20.99 -3.42
CA ASP B 110 12.95 20.52 -4.80
C ASP B 110 13.47 19.09 -5.00
N TRP B 111 13.34 18.25 -3.99
CA TRP B 111 13.84 16.89 -4.12
C TRP B 111 12.96 15.83 -3.44
N ASN B 112 12.66 16.07 -2.16
CA ASN B 112 11.84 15.12 -1.41
C ASN B 112 11.34 15.75 -0.10
N VAL B 113 10.07 15.48 0.21
CA VAL B 113 9.43 15.95 1.43
C VAL B 113 8.74 14.71 2.01
N ASN B 114 9.05 14.42 3.26
CA ASN B 114 8.49 13.25 3.90
C ASN B 114 8.31 13.36 5.40
N ALA B 115 7.12 13.02 5.87
CA ALA B 115 6.83 13.04 7.30
C ALA B 115 7.71 11.93 7.86
N CYS B 116 8.76 12.31 8.58
CA CYS B 116 9.68 11.33 9.14
C CYS B 116 10.12 11.75 10.53
N ASN B 117 10.11 10.80 11.46
CA ASN B 117 10.51 11.07 12.83
C ASN B 117 11.90 10.53 13.22
N LYS B 118 12.59 9.90 12.27
CA LYS B 118 13.92 9.36 12.53
C LYS B 118 15.03 10.42 12.45
N GLU B 119 16.22 10.08 12.90
CA GLU B 119 17.33 11.03 12.87
C GLU B 119 18.00 11.08 11.49
N HIS B 120 18.22 12.31 11.01
CA HIS B 120 18.81 12.55 9.71
C HIS B 120 20.10 13.37 9.81
N THR B 121 20.95 13.29 8.78
CA THR B 121 22.18 14.05 8.75
C THR B 121 21.77 15.48 8.43
N LYS B 122 22.60 16.46 8.82
CA LYS B 122 22.25 17.87 8.59
C LYS B 122 22.33 18.28 7.14
N THR B 123 23.12 17.57 6.35
CA THR B 123 23.28 17.89 4.93
C THR B 123 23.53 16.65 4.08
N THR B 124 23.18 16.75 2.79
CA THR B 124 23.34 15.64 1.85
C THR B 124 24.76 15.12 1.70
N GLY B 125 25.73 16.03 1.74
CA GLY B 125 27.12 15.63 1.60
C GLY B 125 27.57 14.67 2.69
N GLU B 126 27.00 14.81 3.88
CA GLU B 126 27.38 13.96 5.00
C GLU B 126 26.92 12.51 4.81
N ILE B 127 26.37 12.21 3.64
CA ILE B 127 25.90 10.86 3.32
C ILE B 127 27.01 10.07 2.66
N GLY B 128 27.58 10.68 1.61
CA GLY B 128 28.65 10.05 0.87
C GLY B 128 28.18 9.27 -0.33
N PRO B 129 29.11 8.86 -1.20
CA PRO B 129 28.86 8.11 -2.42
C PRO B 129 27.89 6.94 -2.23
N ILE B 130 26.82 6.94 -3.03
CA ILE B 130 25.79 5.91 -2.99
C ILE B 130 25.92 4.96 -4.19
N LYS B 131 25.76 3.67 -3.96
CA LYS B 131 25.84 2.69 -5.03
C LYS B 131 24.62 1.77 -5.05
N ILE B 132 23.91 1.76 -6.17
CA ILE B 132 22.74 0.92 -6.29
C ILE B 132 23.24 -0.46 -6.69
N ARG B 133 23.02 -1.44 -5.82
CA ARG B 133 23.45 -2.82 -6.03
C ARG B 133 22.47 -3.69 -6.80
N LYS B 134 21.21 -3.63 -6.43
CA LYS B 134 20.19 -4.43 -7.10
C LYS B 134 18.87 -3.69 -7.17
N VAL B 135 18.09 -4.00 -8.21
CA VAL B 135 16.79 -3.40 -8.40
C VAL B 135 15.85 -4.51 -8.81
N ARG B 136 14.81 -4.74 -8.01
CA ARG B 136 13.85 -5.79 -8.29
C ARG B 136 12.45 -5.22 -8.49
N PHE B 137 11.79 -5.64 -9.55
CA PHE B 137 10.42 -5.19 -9.80
C PHE B 137 9.51 -6.38 -9.61
N ARG B 138 8.66 -6.32 -8.59
CA ARG B 138 7.73 -7.41 -8.30
C ARG B 138 6.39 -7.11 -8.95
N LYS B 139 6.15 -7.76 -10.09
CA LYS B 139 4.93 -7.56 -10.87
C LYS B 139 3.59 -7.70 -10.14
N SER B 140 3.46 -8.73 -9.31
CA SER B 140 2.21 -8.94 -8.59
C SER B 140 1.79 -7.66 -7.84
N LYS B 141 2.53 -7.30 -6.82
CA LYS B 141 2.21 -6.12 -6.04
C LYS B 141 2.46 -4.81 -6.77
N GLY B 142 3.29 -4.85 -7.81
CA GLY B 142 3.58 -3.62 -8.52
C GLY B 142 4.45 -2.70 -7.67
N LEU B 143 5.49 -3.28 -7.07
CA LEU B 143 6.41 -2.53 -6.24
C LEU B 143 7.81 -2.63 -6.82
N LEU B 144 8.59 -1.56 -6.67
CA LEU B 144 9.96 -1.52 -7.19
C LEU B 144 10.94 -1.40 -6.03
N GLU B 145 11.89 -2.34 -6.00
CA GLU B 145 12.92 -2.40 -4.97
C GLU B 145 14.23 -1.79 -5.43
N ILE B 146 14.69 -0.75 -4.74
CA ILE B 146 15.96 -0.13 -5.09
C ILE B 146 16.96 -0.42 -3.98
N HIS B 147 17.84 -1.39 -4.22
CA HIS B 147 18.87 -1.77 -3.25
C HIS B 147 20.12 -0.95 -3.47
N PHE B 148 20.61 -0.32 -2.41
CA PHE B 148 21.82 0.51 -2.50
C PHE B 148 22.66 0.46 -1.24
N GLU B 149 23.96 0.74 -1.37
CA GLU B 149 24.81 0.76 -0.19
C GLU B 149 25.77 1.94 -0.23
N LEU B 150 25.98 2.57 0.92
CA LEU B 150 26.88 3.70 1.02
C LEU B 150 28.31 3.18 0.94
N LEU B 151 29.26 4.07 0.74
CA LEU B 151 30.65 3.64 0.62
C LEU B 151 31.56 4.28 1.69
N GLU B 152 31.41 3.92 2.97
CA GLU B 152 32.32 4.52 3.95
C GLU B 152 32.59 3.87 5.28
#